data_8K0H
#
_entry.id   8K0H
#
_cell.length_a   49.575
_cell.length_b   68.186
_cell.length_c   73.631
_cell.angle_alpha   90.00
_cell.angle_beta   109.72
_cell.angle_gamma   90.00
#
_symmetry.space_group_name_H-M   'P 1 21 1'
#
loop_
_entity.id
_entity.type
_entity.pdbx_description
1 polymer Csy1
2 polymer Csy2
3 water water
#
loop_
_entity_poly.entity_id
_entity_poly.type
_entity_poly.pdbx_seq_one_letter_code
_entity_poly.pdbx_strand_id
1 'polypeptide(L)'
;MIKEMIEDFISKGGLIFTHSGRYTNTNNSCFIFNKNDIGVDTKVDMYTPKSAGIKNEEGENLWQVLNKANMFYRIYSGEL
GEELQYLLKSCCTAKEDVTTLPQIYFKNGEGYDILVPIGNAHNLISGTEYLWEHKYYNTFTQKLGGSNPQNCTHACNKMR
GGFKQFNCTPPQVEDNYNA
;
A
2 'polypeptide(L)'
;MRKFIIVKNVKVDGINAKSSDITVGMPPATTFCGLGETMSIKTGIVVKAVSYGSVKFEVRGSRFNTSVTKFAWQDRGNGG
KANNNSPIQPKPLADGVFTLCFEVEWEDCAEVLVDKVTNFINTARIAGGTIASFNKPFVKVAKDAEELASVKNAMMPCYV
VVDCGVEVNIFEDAVNRKLQPMVNGYKKLEKIVDNKHMRDKFTPAYLATPTYTMIGYKMVSNVDNFDQALWQYGENTKVK
TIGGIYND
;
B
#
# COMPACT_ATOMS: atom_id res chain seq x y z
N MET A 1 32.88 5.14 -22.18
CA MET A 1 31.69 4.82 -22.97
C MET A 1 30.40 5.21 -22.24
N ILE A 2 30.38 4.97 -20.92
CA ILE A 2 29.20 5.29 -20.14
C ILE A 2 29.08 6.80 -20.00
N LYS A 3 30.20 7.49 -20.16
CA LYS A 3 30.22 8.95 -20.19
C LYS A 3 29.39 9.44 -21.37
N GLU A 4 29.63 8.82 -22.53
CA GLU A 4 28.89 9.14 -23.74
C GLU A 4 27.40 8.86 -23.56
N MET A 5 27.08 7.76 -22.89
CA MET A 5 25.69 7.37 -22.66
C MET A 5 25.00 8.37 -21.74
N ILE A 6 25.69 8.78 -20.67
CA ILE A 6 25.13 9.75 -19.74
C ILE A 6 24.94 11.12 -20.39
N GLU A 7 25.92 11.55 -21.19
CA GLU A 7 25.81 12.83 -21.87
C GLU A 7 24.67 12.80 -22.91
N ASP A 8 24.46 11.65 -23.53
CA ASP A 8 23.35 11.48 -24.46
C ASP A 8 22.02 11.51 -23.71
N PHE A 9 22.04 10.96 -22.50
CA PHE A 9 20.87 10.96 -21.62
C PHE A 9 20.50 12.40 -21.22
N ILE A 10 21.53 13.19 -20.93
CA ILE A 10 21.36 14.59 -20.56
C ILE A 10 20.87 15.41 -21.75
N SER A 11 21.38 15.09 -22.94
CA SER A 11 21.01 15.82 -24.15
C SER A 11 19.52 15.70 -24.44
N LYS A 12 18.90 14.64 -23.94
CA LYS A 12 17.47 14.42 -24.12
C LYS A 12 16.74 14.85 -22.85
N GLY A 13 15.52 14.33 -22.67
CA GLY A 13 14.76 14.62 -21.45
C GLY A 13 15.59 14.33 -20.21
N GLY A 14 16.02 13.08 -20.08
CA GLY A 14 16.96 12.66 -19.05
C GLY A 14 16.59 12.95 -17.60
N LEU A 15 15.74 12.10 -17.03
CA LEU A 15 15.41 12.23 -15.60
C LEU A 15 15.58 10.91 -14.85
N ILE A 16 16.42 10.93 -13.81
CA ILE A 16 16.61 9.75 -12.97
C ILE A 16 15.85 9.92 -11.66
N PHE A 17 15.04 8.93 -11.32
CA PHE A 17 14.21 9.01 -10.13
C PHE A 17 14.15 7.68 -9.37
N THR A 18 13.65 7.76 -8.15
CA THR A 18 13.49 6.59 -7.29
C THR A 18 12.03 6.43 -6.86
N HIS A 19 11.20 7.43 -7.20
CA HIS A 19 9.77 7.40 -6.90
C HIS A 19 8.99 8.15 -7.97
N SER A 20 7.87 7.57 -8.40
CA SER A 20 7.07 8.20 -9.46
C SER A 20 5.61 7.76 -9.45
N GLY A 21 4.72 8.68 -9.81
CA GLY A 21 3.31 8.39 -9.90
C GLY A 21 2.93 7.83 -11.26
N ARG A 22 3.93 7.75 -12.13
CA ARG A 22 3.73 7.24 -13.48
C ARG A 22 3.45 5.73 -13.46
N TYR A 23 3.80 5.07 -12.37
CA TYR A 23 3.47 3.66 -12.17
C TYR A 23 1.97 3.51 -11.93
N THR A 24 1.34 4.58 -11.47
CA THR A 24 -0.09 4.59 -11.20
C THR A 24 -0.88 4.98 -12.44
N ASN A 25 -0.48 6.10 -13.06
CA ASN A 25 -1.12 6.55 -14.28
C ASN A 25 -0.09 6.92 -15.34
N THR A 26 -0.36 6.50 -16.57
CA THR A 26 0.56 6.68 -17.68
C THR A 26 0.90 8.16 -17.92
N ASN A 27 -0.09 9.02 -17.81
CA ASN A 27 0.10 10.43 -18.16
C ASN A 27 0.50 11.33 -16.98
N ASN A 28 1.02 10.74 -15.91
CA ASN A 28 1.29 11.51 -14.70
C ASN A 28 2.58 12.33 -14.72
N SER A 29 3.71 11.67 -14.91
CA SER A 29 5.02 12.33 -14.96
C SER A 29 5.38 13.14 -13.71
N CYS A 30 5.17 12.55 -12.54
CA CYS A 30 5.75 13.07 -11.31
C CYS A 30 6.95 12.22 -10.93
N PHE A 31 8.10 12.85 -10.71
CA PHE A 31 9.32 12.10 -10.41
C PHE A 31 10.03 12.65 -9.17
N ILE A 32 10.42 11.74 -8.29
CA ILE A 32 11.12 12.12 -7.05
C ILE A 32 12.40 11.29 -6.88
N PHE A 33 13.48 11.95 -6.49
CA PHE A 33 14.72 11.24 -6.18
C PHE A 33 15.06 11.39 -4.70
N ASN A 34 14.73 10.36 -3.92
CA ASN A 34 14.98 10.33 -2.48
C ASN A 34 16.41 9.94 -2.17
N LYS A 35 17.23 10.93 -1.81
CA LYS A 35 18.66 10.72 -1.59
C LYS A 35 18.96 9.77 -0.42
N ASN A 36 18.06 9.74 0.56
CA ASN A 36 18.21 8.83 1.70
C ASN A 36 18.16 7.35 1.30
N ASP A 37 17.45 7.06 0.22
CA ASP A 37 17.21 5.69 -0.21
C ASP A 37 18.40 5.05 -0.93
N ILE A 38 19.37 5.86 -1.33
CA ILE A 38 20.45 5.38 -2.19
C ILE A 38 21.49 4.57 -1.42
N GLY A 39 21.49 3.27 -1.68
CA GLY A 39 22.46 2.36 -1.09
C GLY A 39 23.19 1.61 -2.18
N VAL A 40 23.97 0.60 -1.80
CA VAL A 40 24.80 -0.11 -2.75
C VAL A 40 23.99 -0.91 -3.78
N ASP A 41 22.86 -1.47 -3.34
CA ASP A 41 22.05 -2.33 -4.21
C ASP A 41 20.74 -1.68 -4.61
N THR A 42 20.67 -0.35 -4.51
CA THR A 42 19.45 0.38 -4.86
C THR A 42 19.18 0.36 -6.35
N LYS A 43 17.98 -0.05 -6.73
CA LYS A 43 17.55 0.01 -8.12
C LYS A 43 16.92 1.36 -8.42
N VAL A 44 17.22 1.88 -9.60
CA VAL A 44 16.84 3.24 -9.97
C VAL A 44 16.08 3.25 -11.29
N ASP A 45 15.16 4.19 -11.45
CA ASP A 45 14.40 4.26 -12.69
C ASP A 45 14.70 5.54 -13.45
N MET A 46 14.38 5.54 -14.74
CA MET A 46 14.74 6.65 -15.61
C MET A 46 13.66 6.94 -16.65
N TYR A 47 13.57 8.21 -17.03
CA TYR A 47 12.68 8.61 -18.11
C TYR A 47 13.39 9.47 -19.15
N THR A 48 13.06 9.20 -20.40
CA THR A 48 13.39 10.08 -21.51
C THR A 48 12.29 9.84 -22.56
N PRO A 49 11.99 10.83 -23.40
CA PRO A 49 10.96 10.68 -24.44
C PRO A 49 11.10 9.40 -25.28
N LYS A 50 10.08 8.55 -25.24
CA LYS A 50 10.06 7.28 -25.96
C LYS A 50 11.21 6.34 -25.56
N SER A 51 11.73 6.54 -24.36
CA SER A 51 12.87 5.77 -23.86
C SER A 51 14.05 5.80 -24.84
N ALA A 52 14.17 6.90 -25.57
CA ALA A 52 15.26 7.08 -26.52
C ALA A 52 16.62 7.01 -25.82
N GLY A 53 17.42 6.02 -26.17
CA GLY A 53 18.72 5.86 -25.54
C GLY A 53 19.79 5.25 -26.42
N ILE A 54 20.98 5.85 -26.37
CA ILE A 54 22.14 5.29 -27.10
C ILE A 54 22.47 3.92 -26.50
N LYS A 55 22.78 2.96 -27.36
CA LYS A 55 23.02 1.58 -26.86
C LYS A 55 24.53 1.29 -26.96
N ASN A 56 25.03 0.40 -26.13
CA ASN A 56 26.48 0.13 -26.08
C ASN A 56 26.84 -1.01 -27.03
N GLU A 57 27.95 -1.68 -26.75
CA GLU A 57 28.43 -2.80 -27.60
C GLU A 57 27.44 -3.97 -27.58
N GLU A 58 27.02 -4.39 -26.40
CA GLU A 58 26.13 -5.58 -26.27
C GLU A 58 24.67 -5.15 -26.44
N GLY A 59 24.44 -3.88 -26.78
CA GLY A 59 23.09 -3.42 -27.06
C GLY A 59 22.27 -2.99 -25.85
N GLU A 60 22.96 -2.61 -24.78
CA GLU A 60 22.28 -2.13 -23.57
C GLU A 60 22.21 -0.61 -23.53
N ASN A 61 21.12 -0.07 -23.00
CA ASN A 61 21.01 1.38 -22.80
C ASN A 61 21.46 1.77 -21.40
N LEU A 62 21.40 3.06 -21.08
CA LEU A 62 21.93 3.56 -19.81
C LEU A 62 21.22 2.95 -18.61
N TRP A 63 19.90 2.77 -18.71
CA TRP A 63 19.15 2.19 -17.59
C TRP A 63 19.62 0.77 -17.28
N GLN A 64 19.84 -0.02 -18.34
CA GLN A 64 20.30 -1.40 -18.16
C GLN A 64 21.70 -1.45 -17.56
N VAL A 65 22.54 -0.48 -17.93
CA VAL A 65 23.91 -0.41 -17.43
C VAL A 65 23.97 0.01 -15.96
N LEU A 66 23.21 1.03 -15.61
CA LEU A 66 23.21 1.58 -14.26
C LEU A 66 22.70 0.58 -13.22
N ASN A 67 21.72 -0.22 -13.59
CA ASN A 67 21.12 -1.18 -12.67
C ASN A 67 21.79 -2.54 -12.71
N LYS A 68 23.02 -2.57 -13.21
CA LYS A 68 23.77 -3.83 -13.31
C LYS A 68 25.06 -3.73 -12.49
N ALA A 69 25.23 -4.68 -11.57
CA ALA A 69 26.45 -4.80 -10.76
C ALA A 69 26.78 -3.53 -9.97
N ASN A 70 25.76 -2.96 -9.31
CA ASN A 70 25.93 -1.78 -8.46
C ASN A 70 26.52 -0.57 -9.16
N MET A 71 26.38 -0.50 -10.48
CA MET A 71 27.03 0.56 -11.26
C MET A 71 26.54 1.94 -10.85
N PHE A 72 25.23 2.08 -10.65
CA PHE A 72 24.66 3.37 -10.27
C PHE A 72 25.28 3.91 -8.99
N TYR A 73 25.32 3.08 -7.95
CA TYR A 73 25.88 3.51 -6.68
C TYR A 73 27.38 3.80 -6.80
N ARG A 74 28.07 3.05 -7.64
CA ARG A 74 29.50 3.24 -7.82
C ARG A 74 29.80 4.59 -8.47
N ILE A 75 28.99 4.98 -9.45
CA ILE A 75 29.13 6.29 -10.06
C ILE A 75 28.69 7.40 -9.10
N TYR A 76 27.59 7.15 -8.40
CA TYR A 76 26.97 8.11 -7.51
C TYR A 76 27.85 8.45 -6.32
N SER A 77 28.64 7.47 -5.87
CA SER A 77 29.51 7.64 -4.71
C SER A 77 30.89 8.15 -5.11
N GLY A 78 31.18 8.13 -6.41
CA GLY A 78 32.39 8.72 -6.92
C GLY A 78 33.52 7.75 -7.24
N GLU A 79 33.23 6.45 -7.19
CA GLU A 79 34.23 5.44 -7.46
C GLU A 79 34.83 5.58 -8.87
N LEU A 80 34.00 6.04 -9.81
CA LEU A 80 34.42 6.16 -11.20
C LEU A 80 34.87 7.58 -11.56
N GLY A 81 35.14 8.39 -10.55
CA GLY A 81 35.61 9.74 -10.79
C GLY A 81 34.55 10.79 -10.54
N GLU A 82 34.99 12.03 -10.31
CA GLU A 82 34.08 13.11 -9.95
C GLU A 82 33.20 13.56 -11.12
N GLU A 83 33.74 13.49 -12.32
CA GLU A 83 33.02 13.96 -13.50
C GLU A 83 31.74 13.15 -13.74
N LEU A 84 31.90 11.84 -13.83
CA LEU A 84 30.76 10.94 -14.00
C LEU A 84 29.74 11.11 -12.87
N GLN A 85 30.25 11.23 -11.65
CA GLN A 85 29.40 11.46 -10.49
C GLN A 85 28.54 12.72 -10.68
N TYR A 86 29.16 13.79 -11.13
CA TYR A 86 28.48 15.05 -11.36
C TYR A 86 27.42 14.94 -12.46
N LEU A 87 27.82 14.37 -13.59
CA LEU A 87 26.92 14.21 -14.73
C LEU A 87 25.70 13.38 -14.37
N LEU A 88 25.94 12.30 -13.64
CA LEU A 88 24.86 11.43 -13.22
C LEU A 88 23.94 12.14 -12.22
N LYS A 89 24.56 12.88 -11.31
CA LYS A 89 23.81 13.55 -10.24
C LYS A 89 22.99 14.72 -10.76
N SER A 90 23.36 15.26 -11.91
CA SER A 90 22.63 16.38 -12.49
C SER A 90 21.25 15.94 -13.01
N CYS A 91 21.10 14.63 -13.23
CA CYS A 91 19.85 14.09 -13.76
C CYS A 91 18.89 13.64 -12.65
N CYS A 92 19.33 13.76 -11.40
CA CYS A 92 18.51 13.33 -10.27
C CYS A 92 17.70 14.49 -9.72
N THR A 93 16.84 15.07 -10.56
CA THR A 93 16.03 16.21 -10.16
C THR A 93 14.57 15.82 -10.02
N ALA A 94 13.87 16.48 -9.12
CA ALA A 94 12.47 16.17 -8.86
C ALA A 94 11.54 16.95 -9.80
N LYS A 95 10.41 16.33 -10.14
CA LYS A 95 9.35 17.04 -10.84
C LYS A 95 8.03 16.75 -10.14
N GLU A 96 7.29 17.82 -9.84
CA GLU A 96 6.05 17.71 -9.09
C GLU A 96 4.84 17.70 -10.00
N ASP A 97 4.05 16.63 -9.92
CA ASP A 97 2.80 16.55 -10.67
C ASP A 97 1.81 15.67 -9.91
N VAL A 98 0.68 16.25 -9.54
CA VAL A 98 -0.29 15.55 -8.72
C VAL A 98 -1.51 15.09 -9.53
N THR A 99 -1.53 15.43 -10.81
CA THR A 99 -2.68 15.13 -11.65
C THR A 99 -2.89 13.63 -11.79
N THR A 100 -4.17 13.23 -11.84
CA THR A 100 -4.59 11.83 -11.99
C THR A 100 -4.20 10.95 -10.80
N LEU A 101 -3.58 11.53 -9.79
CA LEU A 101 -3.13 10.76 -8.63
C LEU A 101 -4.10 10.93 -7.46
N PRO A 102 -4.23 9.89 -6.62
CA PRO A 102 -5.13 9.95 -5.47
C PRO A 102 -4.72 11.02 -4.45
N GLN A 103 -5.71 11.62 -3.79
CA GLN A 103 -5.46 12.52 -2.68
C GLN A 103 -6.25 12.02 -1.47
N ILE A 104 -5.56 11.42 -0.51
CA ILE A 104 -6.27 10.85 0.64
C ILE A 104 -5.97 11.60 1.93
N TYR A 105 -6.86 11.46 2.91
CA TYR A 105 -6.64 12.05 4.23
C TYR A 105 -6.11 11.00 5.20
N PHE A 106 -4.94 11.25 5.77
CA PHE A 106 -4.40 10.35 6.78
C PHE A 106 -4.31 11.07 8.12
N LYS A 107 -4.93 10.48 9.13
CA LYS A 107 -5.09 11.12 10.42
C LYS A 107 -3.76 11.38 11.11
N ASN A 108 -3.55 12.64 11.49
CA ASN A 108 -2.42 13.04 12.33
C ASN A 108 -2.95 13.46 13.69
N GLY A 109 -2.07 13.88 14.58
CA GLY A 109 -2.45 14.28 15.93
C GLY A 109 -3.61 15.27 16.00
N GLU A 110 -4.82 14.72 16.14
CA GLU A 110 -6.07 15.50 16.18
C GLU A 110 -6.32 16.28 14.90
N GLY A 111 -5.52 15.99 13.87
CA GLY A 111 -5.66 16.66 12.59
C GLY A 111 -5.55 15.65 11.46
N TYR A 112 -5.19 16.14 10.28
CA TYR A 112 -5.01 15.27 9.13
C TYR A 112 -3.90 15.80 8.22
N ASP A 113 -3.35 14.91 7.41
CA ASP A 113 -2.48 15.32 6.32
C ASP A 113 -3.06 14.80 5.02
N ILE A 114 -2.77 15.48 3.92
CA ILE A 114 -3.16 14.99 2.61
C ILE A 114 -1.98 14.26 1.98
N LEU A 115 -2.24 13.02 1.55
CA LEU A 115 -1.21 12.20 0.93
C LEU A 115 -1.51 11.97 -0.54
N VAL A 116 -0.49 12.21 -1.37
CA VAL A 116 -0.52 11.85 -2.78
C VAL A 116 0.48 10.73 -3.01
N PRO A 117 -0.02 9.49 -3.05
CA PRO A 117 0.81 8.28 -3.14
C PRO A 117 1.49 8.11 -4.50
N ILE A 118 2.79 7.85 -4.49
CA ILE A 118 3.53 7.52 -5.69
C ILE A 118 4.35 6.25 -5.45
N GLY A 119 4.70 5.55 -6.52
CA GLY A 119 5.32 4.24 -6.39
C GLY A 119 6.84 4.24 -6.31
N ASN A 120 7.39 3.14 -5.80
CA ASN A 120 8.82 2.99 -5.62
C ASN A 120 9.47 2.14 -6.71
N ALA A 121 10.46 2.70 -7.39
CA ALA A 121 11.18 2.01 -8.46
C ALA A 121 11.92 0.78 -7.95
N HIS A 122 12.58 0.93 -6.81
CA HIS A 122 13.37 -0.16 -6.23
C HIS A 122 12.51 -1.39 -5.95
N ASN A 123 11.37 -1.19 -5.29
CA ASN A 123 10.50 -2.30 -4.95
C ASN A 123 10.04 -3.07 -6.19
N LEU A 124 9.74 -2.35 -7.27
CA LEU A 124 9.32 -2.98 -8.51
C LEU A 124 10.46 -3.75 -9.17
N ILE A 125 11.54 -3.04 -9.49
CA ILE A 125 12.67 -3.63 -10.18
C ILE A 125 13.40 -4.71 -9.35
N SER A 126 13.99 -4.28 -8.25
CA SER A 126 14.67 -5.18 -7.32
C SER A 126 13.74 -6.22 -6.73
N GLY A 127 12.49 -5.84 -6.48
CA GLY A 127 11.54 -6.80 -5.93
C GLY A 127 11.20 -7.92 -6.88
N THR A 128 10.96 -7.56 -8.14
CA THR A 128 10.70 -8.58 -9.15
C THR A 128 11.92 -9.47 -9.33
N GLU A 129 13.09 -8.85 -9.49
CA GLU A 129 14.34 -9.61 -9.60
C GLU A 129 14.50 -10.59 -8.43
N TYR A 130 14.33 -10.09 -7.22
CA TYR A 130 14.55 -10.88 -6.00
C TYR A 130 13.58 -12.04 -5.89
N LEU A 131 12.30 -11.80 -6.17
CA LEU A 131 11.31 -12.86 -6.07
C LEU A 131 11.54 -13.89 -7.18
N TRP A 132 12.13 -13.44 -8.29
CA TRP A 132 12.54 -14.35 -9.35
C TRP A 132 13.68 -15.26 -8.89
N GLU A 133 14.73 -14.67 -8.32
CA GLU A 133 15.92 -15.40 -7.93
C GLU A 133 15.64 -16.42 -6.82
N HIS A 134 14.64 -16.14 -6.00
CA HIS A 134 14.34 -17.02 -4.86
C HIS A 134 13.07 -17.83 -5.08
N LYS A 135 12.61 -17.88 -6.33
CA LYS A 135 11.53 -18.77 -6.73
C LYS A 135 10.26 -18.59 -5.89
N TYR A 136 9.92 -17.33 -5.61
CA TYR A 136 8.70 -17.01 -4.90
C TYR A 136 7.55 -16.85 -5.89
N TYR A 137 6.52 -17.66 -5.74
CA TYR A 137 5.44 -17.67 -6.73
C TYR A 137 4.05 -17.37 -6.16
N ASN A 138 3.99 -17.05 -4.87
CA ASN A 138 2.74 -16.62 -4.26
C ASN A 138 2.46 -15.18 -4.67
N THR A 139 2.16 -14.98 -5.95
CA THR A 139 2.24 -13.66 -6.54
C THR A 139 1.29 -13.46 -7.72
N PHE A 140 0.99 -12.20 -8.02
CA PHE A 140 0.36 -11.83 -9.28
C PHE A 140 1.38 -11.09 -10.14
N THR A 141 1.08 -10.93 -11.42
CA THR A 141 1.98 -10.17 -12.29
C THR A 141 1.22 -9.07 -13.01
N GLN A 142 1.71 -7.84 -12.90
CA GLN A 142 1.04 -6.71 -13.55
C GLN A 142 1.98 -5.98 -14.50
N LYS A 143 1.49 -5.61 -15.66
CA LYS A 143 2.32 -4.89 -16.62
C LYS A 143 2.06 -3.39 -16.59
N LEU A 144 3.15 -2.62 -16.60
CA LEU A 144 2.98 -1.17 -16.46
C LEU A 144 3.45 -0.51 -17.76
N GLY A 145 2.79 0.58 -18.15
CA GLY A 145 3.12 1.28 -19.40
C GLY A 145 1.87 1.47 -20.24
N GLY A 146 0.83 0.71 -19.92
CA GLY A 146 -0.41 0.79 -20.70
C GLY A 146 -0.16 0.32 -22.11
N SER A 147 -0.86 0.92 -23.07
CA SER A 147 -0.66 0.56 -24.49
C SER A 147 0.75 0.94 -24.95
N ASN A 148 1.40 1.88 -24.27
CA ASN A 148 2.74 2.35 -24.75
C ASN A 148 3.80 2.29 -23.65
N PRO A 149 4.31 1.10 -23.27
CA PRO A 149 5.42 0.97 -22.32
C PRO A 149 6.63 1.82 -22.69
N GLN A 150 6.87 1.98 -23.98
CA GLN A 150 8.03 2.73 -24.47
C GLN A 150 8.06 4.16 -23.95
N ASN A 151 6.90 4.82 -23.89
CA ASN A 151 6.86 6.22 -23.47
C ASN A 151 6.51 6.36 -22.00
N CYS A 152 6.33 5.24 -21.31
CA CYS A 152 6.07 5.28 -19.89
C CYS A 152 7.40 5.48 -19.13
N THR A 153 8.26 4.47 -19.18
CA THR A 153 9.44 4.42 -18.32
C THR A 153 10.44 3.36 -18.79
N HIS A 154 11.74 3.65 -18.63
CA HIS A 154 12.79 2.74 -19.07
C HIS A 154 12.66 1.33 -18.50
N ALA A 155 12.37 1.24 -17.21
CA ALA A 155 12.13 -0.06 -16.58
C ALA A 155 10.89 -0.72 -17.19
N CYS A 156 9.83 0.06 -17.37
CA CYS A 156 8.61 -0.42 -18.03
C CYS A 156 8.92 -0.86 -19.46
N ASN A 157 9.76 -0.09 -20.13
CA ASN A 157 10.12 -0.37 -21.51
C ASN A 157 10.87 -1.69 -21.67
N LYS A 158 11.81 -1.95 -20.76
CA LYS A 158 12.61 -3.18 -20.85
C LYS A 158 11.89 -4.38 -20.24
N MET A 159 11.35 -4.20 -19.04
CA MET A 159 10.72 -5.30 -18.33
C MET A 159 9.28 -5.58 -18.78
N ARG A 160 9.12 -5.94 -20.05
CA ARG A 160 7.80 -6.20 -20.65
C ARG A 160 7.13 -7.45 -20.07
N GLY A 161 7.90 -8.25 -19.34
CA GLY A 161 7.36 -9.45 -18.72
C GLY A 161 6.49 -9.15 -17.53
N GLY A 162 6.49 -7.89 -17.11
CA GLY A 162 5.66 -7.46 -16.00
C GLY A 162 6.39 -7.46 -14.67
N PHE A 163 5.77 -6.84 -13.67
CA PHE A 163 6.33 -6.78 -12.32
C PHE A 163 5.54 -7.68 -11.39
N LYS A 164 6.23 -8.22 -10.38
CA LYS A 164 5.61 -9.12 -9.43
C LYS A 164 4.95 -8.37 -8.27
N GLN A 165 3.80 -8.88 -7.85
CA GLN A 165 3.03 -8.31 -6.76
C GLN A 165 2.70 -9.40 -5.77
N PHE A 166 2.76 -9.09 -4.48
CA PHE A 166 2.42 -10.09 -3.47
C PHE A 166 0.92 -10.40 -3.52
N ASN A 167 0.61 -11.69 -3.58
CA ASN A 167 -0.77 -12.15 -3.49
C ASN A 167 -1.25 -12.05 -2.04
N CYS A 168 -2.06 -11.04 -1.75
CA CYS A 168 -2.45 -10.76 -0.38
C CYS A 168 -3.86 -11.27 -0.08
N THR A 169 -4.19 -12.41 -0.66
CA THR A 169 -5.46 -13.06 -0.40
C THR A 169 -5.45 -13.68 0.99
N PRO A 170 -6.52 -13.46 1.77
CA PRO A 170 -6.68 -14.05 3.09
C PRO A 170 -7.22 -15.48 3.03
N PRO A 171 -7.17 -16.21 4.15
CA PRO A 171 -7.88 -17.50 4.24
C PRO A 171 -9.39 -17.31 4.36
N GLN A 172 -10.16 -18.34 4.06
CA GLN A 172 -11.62 -18.22 4.07
C GLN A 172 -12.31 -19.22 4.97
N VAL A 173 -13.43 -18.80 5.54
CA VAL A 173 -14.32 -19.70 6.26
C VAL A 173 -14.98 -20.63 5.25
N GLU A 174 -14.97 -21.93 5.54
CA GLU A 174 -15.53 -22.92 4.62
C GLU A 174 -17.04 -23.07 4.78
N ASP A 175 -17.71 -23.44 3.69
CA ASP A 175 -19.17 -23.58 3.66
C ASP A 175 -19.68 -24.69 4.56
N ASN A 176 -19.04 -25.85 4.48
CA ASN A 176 -19.50 -27.03 5.19
C ASN A 176 -18.33 -27.71 5.92
N MET B 1 -15.51 -0.10 31.46
CA MET B 1 -16.20 -0.73 30.34
C MET B 1 -15.62 -0.34 28.99
N ARG B 2 -15.39 -1.33 28.15
CA ARG B 2 -15.05 -1.10 26.76
C ARG B 2 -16.20 -1.58 25.89
N LYS B 3 -16.65 -0.70 24.99
CA LYS B 3 -17.81 -0.98 24.14
C LYS B 3 -17.40 -1.30 22.72
N PHE B 4 -18.06 -2.28 22.13
CA PHE B 4 -17.78 -2.70 20.76
C PHE B 4 -19.07 -2.89 19.99
N ILE B 5 -19.11 -2.38 18.75
CA ILE B 5 -20.24 -2.66 17.90
C ILE B 5 -19.78 -3.58 16.77
N ILE B 6 -20.47 -4.71 16.63
CA ILE B 6 -20.07 -5.76 15.70
C ILE B 6 -21.08 -5.88 14.57
N VAL B 7 -20.55 -5.93 13.35
CA VAL B 7 -21.35 -6.10 12.15
C VAL B 7 -20.86 -7.31 11.38
N LYS B 8 -21.66 -8.37 11.40
CA LYS B 8 -21.30 -9.64 10.77
C LYS B 8 -21.65 -9.68 9.30
N ASN B 9 -20.93 -10.52 8.56
CA ASN B 9 -21.22 -10.80 7.15
C ASN B 9 -21.45 -9.58 6.28
N VAL B 10 -20.47 -8.68 6.25
CA VAL B 10 -20.55 -7.53 5.36
C VAL B 10 -20.09 -7.93 3.96
N LYS B 11 -21.06 -8.10 3.07
CA LYS B 11 -20.78 -8.50 1.69
C LYS B 11 -20.42 -7.31 0.82
N VAL B 12 -19.20 -7.30 0.29
CA VAL B 12 -18.71 -6.18 -0.49
C VAL B 12 -18.41 -6.60 -1.93
N ASP B 13 -18.84 -5.78 -2.88
CA ASP B 13 -18.66 -6.08 -4.30
C ASP B 13 -17.85 -5.00 -5.02
N GLY B 14 -16.84 -5.42 -5.77
CA GLY B 14 -16.05 -4.50 -6.58
C GLY B 14 -14.94 -3.80 -5.82
N ILE B 15 -14.36 -4.51 -4.86
CA ILE B 15 -13.21 -4.02 -4.11
C ILE B 15 -12.01 -3.79 -5.01
N ASN B 16 -11.32 -2.67 -4.83
CA ASN B 16 -10.04 -2.47 -5.51
C ASN B 16 -8.94 -3.22 -4.79
N ALA B 17 -8.57 -4.38 -5.33
CA ALA B 17 -7.64 -5.29 -4.67
C ALA B 17 -6.22 -4.74 -4.62
N LYS B 18 -5.92 -3.75 -5.46
CA LYS B 18 -4.58 -3.17 -5.52
C LYS B 18 -4.40 -2.10 -4.45
N SER B 19 -3.67 -2.43 -3.39
CA SER B 19 -3.46 -1.49 -2.30
C SER B 19 -2.13 -0.75 -2.45
N SER B 20 -1.22 -1.32 -3.23
CA SER B 20 0.04 -0.68 -3.57
C SER B 20 0.55 -1.28 -4.86
N ASP B 21 1.71 -0.82 -5.32
CA ASP B 21 2.26 -1.31 -6.58
C ASP B 21 2.68 -2.76 -6.50
N ILE B 22 2.88 -3.27 -5.29
CA ILE B 22 3.30 -4.66 -5.12
C ILE B 22 2.41 -5.47 -4.18
N THR B 23 1.22 -4.96 -3.87
CA THR B 23 0.28 -5.71 -3.04
C THR B 23 -1.12 -5.75 -3.67
N VAL B 24 -1.61 -6.97 -3.91
CA VAL B 24 -2.94 -7.16 -4.48
C VAL B 24 -3.72 -8.20 -3.67
N GLY B 25 -4.87 -7.80 -3.15
CA GLY B 25 -5.70 -8.70 -2.36
C GLY B 25 -6.50 -8.02 -1.27
N MET B 26 -6.47 -8.61 -0.08
CA MET B 26 -7.14 -8.06 1.10
C MET B 26 -6.80 -6.59 1.31
N PRO B 27 -7.82 -5.74 1.41
CA PRO B 27 -7.59 -4.32 1.71
C PRO B 27 -6.86 -4.17 3.04
N PRO B 28 -5.83 -3.30 3.06
CA PRO B 28 -4.96 -3.14 4.24
C PRO B 28 -5.68 -2.51 5.43
N ALA B 29 -5.04 -2.57 6.60
CA ALA B 29 -5.61 -2.04 7.82
C ALA B 29 -5.88 -0.55 7.72
N THR B 30 -5.15 0.14 6.85
CA THR B 30 -5.36 1.56 6.62
C THR B 30 -6.76 1.86 6.08
N THR B 31 -7.28 0.92 5.29
CA THR B 31 -8.59 1.10 4.67
C THR B 31 -9.69 0.95 5.71
N PHE B 32 -9.55 -0.03 6.59
CA PHE B 32 -10.55 -0.27 7.62
C PHE B 32 -10.49 0.80 8.72
N CYS B 33 -9.28 1.20 9.09
CA CYS B 33 -9.09 2.33 9.98
C CYS B 33 -9.72 3.59 9.39
N GLY B 34 -9.55 3.75 8.08
CA GLY B 34 -10.13 4.87 7.36
C GLY B 34 -11.65 4.81 7.40
N LEU B 35 -12.20 3.61 7.32
CA LEU B 35 -13.64 3.40 7.40
C LEU B 35 -14.19 3.80 8.77
N GLY B 36 -13.51 3.35 9.82
CA GLY B 36 -13.89 3.73 11.18
C GLY B 36 -13.81 5.24 11.40
N GLU B 37 -12.77 5.84 10.84
CA GLU B 37 -12.58 7.29 10.96
C GLU B 37 -13.71 8.03 10.27
N THR B 38 -14.07 7.58 9.07
CA THR B 38 -15.17 8.22 8.30
C THR B 38 -16.48 8.11 9.08
N MET B 39 -16.76 6.95 9.66
CA MET B 39 -18.01 6.74 10.44
C MET B 39 -18.04 7.71 11.62
N SER B 40 -16.93 7.85 12.33
CA SER B 40 -16.87 8.79 13.46
C SER B 40 -17.11 10.20 12.92
N ILE B 41 -16.55 10.50 11.75
CA ILE B 41 -16.69 11.84 11.21
C ILE B 41 -18.14 12.17 10.88
N LYS B 42 -18.79 11.30 10.12
CA LYS B 42 -20.15 11.60 9.68
C LYS B 42 -21.25 11.16 10.66
N THR B 43 -20.89 10.45 11.72
CA THR B 43 -21.87 10.01 12.71
C THR B 43 -21.71 10.71 14.04
N GLY B 44 -20.47 11.09 14.35
CA GLY B 44 -20.18 11.71 15.62
C GLY B 44 -19.81 10.70 16.70
N ILE B 45 -19.88 9.42 16.34
CA ILE B 45 -19.51 8.35 17.27
C ILE B 45 -18.00 8.21 17.39
N VAL B 46 -17.49 8.27 18.62
CA VAL B 46 -16.07 8.14 18.85
C VAL B 46 -15.61 6.70 18.61
N VAL B 47 -14.80 6.50 17.57
CA VAL B 47 -14.26 5.19 17.25
C VAL B 47 -12.81 5.09 17.70
N LYS B 48 -12.51 4.18 18.60
CA LYS B 48 -11.16 4.04 19.13
C LYS B 48 -10.30 3.13 18.28
N ALA B 49 -10.85 1.98 17.90
CA ALA B 49 -10.12 1.02 17.08
C ALA B 49 -11.06 0.18 16.22
N VAL B 50 -10.48 -0.62 15.34
CA VAL B 50 -11.28 -1.54 14.54
C VAL B 50 -10.57 -2.88 14.37
N SER B 51 -11.32 -3.95 14.56
CA SER B 51 -10.88 -5.29 14.23
C SER B 51 -11.71 -5.79 13.06
N TYR B 52 -11.06 -6.38 12.07
CA TYR B 52 -11.75 -6.83 10.88
C TYR B 52 -11.32 -8.24 10.50
N GLY B 53 -12.29 -9.04 10.07
CA GLY B 53 -12.03 -10.43 9.76
C GLY B 53 -12.54 -10.87 8.40
N SER B 54 -11.76 -11.71 7.74
CA SER B 54 -12.15 -12.26 6.45
C SER B 54 -13.05 -13.47 6.62
N VAL B 55 -14.24 -13.42 6.02
CA VAL B 55 -15.11 -14.58 5.97
C VAL B 55 -15.01 -15.20 4.58
N LYS B 56 -15.21 -14.37 3.56
CA LYS B 56 -14.99 -14.79 2.17
C LYS B 56 -14.15 -13.74 1.45
N PHE B 57 -13.39 -14.16 0.45
CA PHE B 57 -12.65 -13.22 -0.37
C PHE B 57 -12.14 -13.91 -1.64
N GLU B 58 -12.30 -13.23 -2.77
CA GLU B 58 -11.82 -13.75 -4.02
C GLU B 58 -11.48 -12.62 -4.99
N VAL B 59 -10.24 -12.62 -5.46
CA VAL B 59 -9.83 -11.73 -6.53
C VAL B 59 -10.42 -12.29 -7.82
N ARG B 60 -11.02 -11.42 -8.63
CA ARG B 60 -11.62 -11.86 -9.88
C ARG B 60 -10.57 -12.42 -10.83
N GLY B 61 -10.83 -13.62 -11.35
CA GLY B 61 -9.92 -14.26 -12.28
C GLY B 61 -8.92 -15.20 -11.64
N SER B 62 -8.90 -15.24 -10.30
CA SER B 62 -7.92 -16.04 -9.58
C SER B 62 -8.39 -17.46 -9.31
N ARG B 63 -9.70 -17.66 -9.33
CA ARG B 63 -10.27 -18.99 -9.13
C ARG B 63 -10.77 -19.58 -10.45
N PHE B 64 -11.34 -18.73 -11.31
CA PHE B 64 -11.72 -19.15 -12.65
C PHE B 64 -11.58 -17.98 -13.63
N ASN B 65 -11.45 -18.32 -14.92
CA ASN B 65 -11.19 -17.34 -15.97
C ASN B 65 -12.47 -16.75 -16.57
N THR B 66 -12.39 -15.49 -16.97
CA THR B 66 -13.50 -14.83 -17.67
C THR B 66 -13.02 -14.25 -19.00
N PRO B 90 -6.95 -5.39 -15.60
CA PRO B 90 -6.99 -3.93 -15.67
C PRO B 90 -6.70 -3.35 -14.29
N LYS B 91 -7.72 -3.21 -13.47
CA LYS B 91 -7.49 -2.78 -12.06
C LYS B 91 -7.92 -3.95 -11.18
N PRO B 92 -6.98 -4.65 -10.54
CA PRO B 92 -7.34 -5.84 -9.77
C PRO B 92 -8.62 -5.62 -8.95
N LEU B 93 -9.67 -6.35 -9.27
CA LEU B 93 -10.96 -6.21 -8.56
C LEU B 93 -11.31 -7.52 -7.83
N ALA B 94 -11.94 -7.39 -6.67
CA ALA B 94 -12.25 -8.56 -5.86
C ALA B 94 -13.64 -8.43 -5.24
N ASP B 95 -14.12 -9.52 -4.64
CA ASP B 95 -15.38 -9.50 -3.92
C ASP B 95 -15.17 -10.29 -2.64
N GLY B 96 -15.90 -9.95 -1.58
CA GLY B 96 -15.75 -10.66 -0.32
C GLY B 96 -16.84 -10.46 0.71
N VAL B 97 -16.70 -11.18 1.81
CA VAL B 97 -17.55 -11.03 2.98
C VAL B 97 -16.67 -10.82 4.21
N PHE B 98 -16.87 -9.68 4.88
CA PHE B 98 -16.09 -9.32 6.06
C PHE B 98 -16.94 -9.32 7.34
N THR B 99 -16.26 -9.37 8.47
CA THR B 99 -16.89 -9.13 9.76
C THR B 99 -16.16 -7.99 10.46
N LEU B 100 -16.90 -6.94 10.81
CA LEU B 100 -16.30 -5.76 11.41
C LEU B 100 -16.62 -5.64 12.90
N CYS B 101 -15.70 -5.02 13.62
CA CYS B 101 -15.89 -4.77 15.05
C CYS B 101 -15.23 -3.44 15.41
N PHE B 102 -16.05 -2.45 15.73
CA PHE B 102 -15.53 -1.14 16.11
C PHE B 102 -15.52 -0.96 17.61
N GLU B 103 -14.38 -0.59 18.17
CA GLU B 103 -14.35 -0.16 19.56
C GLU B 103 -14.81 1.29 19.61
N VAL B 104 -15.87 1.54 20.37
CA VAL B 104 -16.42 2.89 20.43
C VAL B 104 -16.68 3.34 21.86
N GLU B 105 -16.83 4.64 22.04
CA GLU B 105 -17.25 5.19 23.33
C GLU B 105 -18.67 5.74 23.19
N TRP B 106 -19.60 5.14 23.92
CA TRP B 106 -21.01 5.47 23.75
C TRP B 106 -21.77 5.39 25.07
N GLU B 107 -22.28 6.53 25.52
CA GLU B 107 -22.99 6.60 26.80
C GLU B 107 -24.49 6.79 26.62
N ASP B 108 -25.05 6.17 25.59
CA ASP B 108 -26.49 6.20 25.36
C ASP B 108 -26.98 4.77 25.17
N CYS B 109 -28.27 4.61 24.88
CA CYS B 109 -28.83 3.28 24.68
C CYS B 109 -28.23 2.62 23.45
N ALA B 110 -28.18 1.29 23.45
CA ALA B 110 -27.55 0.55 22.37
C ALA B 110 -28.29 0.70 21.03
N GLU B 111 -29.60 0.86 21.10
CA GLU B 111 -30.45 0.90 19.91
C GLU B 111 -30.12 2.07 18.98
N VAL B 112 -29.98 3.26 19.54
CA VAL B 112 -29.63 4.44 18.75
C VAL B 112 -28.28 4.26 18.06
N LEU B 113 -27.32 3.75 18.81
CA LEU B 113 -26.01 3.41 18.28
C LEU B 113 -26.13 2.47 17.08
N VAL B 114 -26.85 1.37 17.28
CA VAL B 114 -27.05 0.36 16.23
C VAL B 114 -27.68 0.96 14.98
N ASP B 115 -28.66 1.83 15.18
CA ASP B 115 -29.33 2.48 14.06
C ASP B 115 -28.38 3.40 13.28
N LYS B 116 -27.61 4.21 14.00
CA LYS B 116 -26.62 5.07 13.38
C LYS B 116 -25.62 4.28 12.53
N VAL B 117 -25.04 3.25 13.15
CA VAL B 117 -24.07 2.41 12.46
C VAL B 117 -24.69 1.77 11.22
N THR B 118 -25.92 1.27 11.36
CA THR B 118 -26.64 0.70 10.23
C THR B 118 -26.73 1.70 9.08
N ASN B 119 -27.20 2.90 9.39
CA ASN B 119 -27.37 3.94 8.38
C ASN B 119 -26.06 4.38 7.74
N PHE B 120 -24.95 4.27 8.46
CA PHE B 120 -23.66 4.59 7.85
C PHE B 120 -23.17 3.47 6.93
N ILE B 121 -23.21 2.24 7.45
CA ILE B 121 -22.71 1.07 6.74
C ILE B 121 -23.50 0.83 5.45
N ASN B 122 -24.79 1.16 5.49
CA ASN B 122 -25.65 0.98 4.33
C ASN B 122 -25.12 1.70 3.09
N THR B 123 -24.44 2.83 3.29
CA THR B 123 -23.97 3.65 2.19
C THR B 123 -22.46 3.81 2.15
N ALA B 124 -21.75 3.02 2.96
CA ALA B 124 -20.30 3.11 3.03
C ALA B 124 -19.61 2.31 1.92
N ARG B 125 -18.30 2.47 1.82
CA ARG B 125 -17.52 1.77 0.81
C ARG B 125 -16.19 1.29 1.39
N ILE B 126 -15.83 0.03 1.09
CA ILE B 126 -14.53 -0.50 1.50
C ILE B 126 -13.62 -0.64 0.28
N ALA B 127 -12.61 0.22 0.20
CA ALA B 127 -11.67 0.23 -0.93
C ALA B 127 -12.40 0.29 -2.27
N GLY B 128 -13.40 1.15 -2.34
CA GLY B 128 -14.16 1.36 -3.56
C GLY B 128 -15.30 0.37 -3.76
N GLY B 129 -15.32 -0.68 -2.94
CA GLY B 129 -16.31 -1.73 -3.08
C GLY B 129 -17.64 -1.45 -2.41
N THR B 130 -18.71 -1.69 -3.14
CA THR B 130 -20.07 -1.46 -2.65
C THR B 130 -20.49 -2.49 -1.61
N ILE B 131 -21.08 -2.02 -0.52
CA ILE B 131 -21.69 -2.91 0.46
C ILE B 131 -23.09 -3.27 0.02
N ALA B 132 -23.34 -4.57 -0.17
CA ALA B 132 -24.60 -5.02 -0.74
C ALA B 132 -25.52 -5.60 0.32
N SER B 133 -24.94 -6.01 1.44
CA SER B 133 -25.67 -6.74 2.47
C SER B 133 -24.84 -6.88 3.74
N PHE B 134 -25.53 -6.89 4.89
CA PHE B 134 -24.87 -7.15 6.17
C PHE B 134 -25.89 -7.46 7.25
N ASN B 135 -25.46 -8.21 8.28
CA ASN B 135 -26.32 -8.51 9.40
C ASN B 135 -26.56 -7.27 10.24
N LYS B 136 -27.60 -7.29 11.08
CA LYS B 136 -27.88 -6.16 11.93
C LYS B 136 -26.77 -5.98 12.96
N PRO B 137 -26.20 -4.78 13.02
CA PRO B 137 -25.15 -4.47 14.00
C PRO B 137 -25.63 -4.72 15.43
N PHE B 138 -24.79 -5.31 16.27
CA PHE B 138 -25.15 -5.46 17.68
C PHE B 138 -24.01 -5.05 18.59
N VAL B 139 -24.34 -4.70 19.84
CA VAL B 139 -23.35 -4.18 20.77
C VAL B 139 -22.89 -5.24 21.77
N LYS B 140 -21.60 -5.22 22.08
CA LYS B 140 -20.99 -6.11 23.05
C LYS B 140 -20.16 -5.29 24.03
N VAL B 141 -20.26 -5.61 25.31
CA VAL B 141 -19.60 -4.82 26.35
C VAL B 141 -18.60 -5.67 27.15
N ALA B 142 -17.50 -5.06 27.56
CA ALA B 142 -16.49 -5.78 28.34
C ALA B 142 -16.05 -5.00 29.58
N LYS B 143 -16.29 -5.60 30.75
CA LYS B 143 -15.87 -5.04 32.04
C LYS B 143 -14.38 -5.24 32.25
N ASP B 144 -13.89 -6.43 31.91
CA ASP B 144 -12.48 -6.75 32.06
C ASP B 144 -11.95 -7.55 30.88
N ALA B 145 -10.70 -7.98 30.96
CA ALA B 145 -10.06 -8.69 29.86
C ALA B 145 -10.70 -10.05 29.59
N GLU B 146 -11.42 -10.58 30.57
CA GLU B 146 -12.04 -11.89 30.43
C GLU B 146 -13.33 -11.84 29.61
N GLU B 147 -14.07 -10.73 29.70
CA GLU B 147 -15.28 -10.55 28.90
C GLU B 147 -14.89 -10.19 27.46
N LEU B 148 -13.67 -9.68 27.31
CA LEU B 148 -13.12 -9.35 26.01
C LEU B 148 -13.06 -10.60 25.12
N ALA B 149 -13.03 -11.77 25.76
CA ALA B 149 -13.05 -13.03 25.03
C ALA B 149 -14.44 -13.29 24.44
N SER B 150 -15.47 -12.98 25.21
CA SER B 150 -16.84 -13.09 24.71
C SER B 150 -17.05 -12.12 23.56
N VAL B 151 -16.52 -10.91 23.71
CA VAL B 151 -16.56 -9.92 22.63
C VAL B 151 -15.88 -10.45 21.38
N LYS B 152 -14.68 -10.98 21.57
CA LYS B 152 -13.85 -11.52 20.50
C LYS B 152 -14.55 -12.66 19.77
N ASN B 153 -15.20 -13.53 20.52
CA ASN B 153 -15.83 -14.72 19.95
C ASN B 153 -17.21 -14.42 19.38
N ALA B 154 -17.74 -13.23 19.68
CA ALA B 154 -18.96 -12.80 19.02
C ALA B 154 -18.75 -12.56 17.53
N MET B 155 -17.49 -12.45 17.11
CA MET B 155 -17.14 -12.21 15.71
C MET B 155 -17.11 -13.49 14.87
N MET B 156 -16.99 -14.65 15.52
CA MET B 156 -16.81 -15.92 14.80
C MET B 156 -17.99 -16.26 13.90
N PRO B 157 -17.70 -16.88 12.74
CA PRO B 157 -16.36 -17.23 12.28
C PRO B 157 -15.75 -16.21 11.32
N CYS B 158 -14.47 -15.88 11.53
CA CYS B 158 -13.73 -15.00 10.62
C CYS B 158 -12.24 -15.01 10.93
N TYR B 159 -11.43 -14.69 9.92
CA TYR B 159 -9.98 -14.62 10.07
C TYR B 159 -9.51 -13.17 10.20
N VAL B 160 -8.97 -12.82 11.36
CA VAL B 160 -8.52 -11.45 11.59
C VAL B 160 -7.02 -11.27 11.32
N VAL B 161 -6.64 -10.01 11.12
CA VAL B 161 -5.27 -9.65 10.80
C VAL B 161 -4.51 -9.22 12.06
N VAL B 162 -3.35 -9.84 12.27
CA VAL B 162 -2.49 -9.48 13.40
C VAL B 162 -1.10 -9.10 12.92
N ASP B 163 -0.51 -8.09 13.57
CA ASP B 163 0.79 -7.56 13.15
C ASP B 163 1.93 -8.46 13.62
N CYS B 164 2.78 -8.84 12.68
CA CYS B 164 3.93 -9.70 12.98
C CYS B 164 5.24 -8.95 12.82
N GLY B 165 5.16 -7.70 12.37
CA GLY B 165 6.33 -6.85 12.25
C GLY B 165 7.28 -7.26 11.14
N VAL B 166 8.26 -6.39 10.86
CA VAL B 166 9.29 -6.67 9.87
C VAL B 166 10.60 -7.07 10.55
N GLU B 167 11.24 -8.11 10.04
CA GLU B 167 12.53 -8.54 10.59
C GLU B 167 13.70 -7.93 9.82
N VAL B 168 13.70 -8.09 8.50
CA VAL B 168 14.71 -7.43 7.67
C VAL B 168 14.04 -6.51 6.64
N ASN B 169 13.26 -7.08 5.73
CA ASN B 169 12.45 -6.30 4.80
C ASN B 169 11.36 -7.21 4.24
N ILE B 170 10.39 -6.63 3.55
CA ILE B 170 9.19 -7.38 3.18
C ILE B 170 9.45 -8.56 2.24
N PHE B 171 10.45 -8.44 1.38
CA PHE B 171 10.73 -9.51 0.43
C PHE B 171 11.38 -10.69 1.12
N GLU B 172 12.46 -10.43 1.85
CA GLU B 172 13.15 -11.48 2.57
C GLU B 172 12.29 -12.05 3.69
N ASP B 173 11.43 -11.22 4.29
CA ASP B 173 10.50 -11.71 5.29
C ASP B 173 9.43 -12.58 4.64
N ALA B 174 8.97 -12.20 3.45
CA ALA B 174 7.95 -12.99 2.75
C ALA B 174 8.50 -14.35 2.36
N VAL B 175 9.77 -14.39 1.97
CA VAL B 175 10.40 -15.64 1.55
C VAL B 175 10.74 -16.53 2.75
N ASN B 176 11.38 -15.95 3.75
CA ASN B 176 11.92 -16.70 4.89
C ASN B 176 10.90 -16.97 5.99
N ARG B 177 10.09 -15.97 6.32
CA ARG B 177 9.11 -16.12 7.38
C ARG B 177 7.77 -16.59 6.82
N LYS B 178 7.69 -16.64 5.50
CA LYS B 178 6.48 -17.05 4.79
C LYS B 178 5.24 -16.32 5.26
N LEU B 179 5.39 -15.03 5.55
CA LEU B 179 4.27 -14.18 5.95
C LEU B 179 3.81 -13.30 4.79
N GLN B 180 2.84 -12.44 5.07
CA GLN B 180 2.23 -11.61 4.04
C GLN B 180 2.42 -10.12 4.31
N PRO B 181 2.95 -9.36 3.32
CA PRO B 181 3.08 -7.92 3.46
C PRO B 181 1.74 -7.16 3.40
N MET B 182 1.63 -6.06 4.14
CA MET B 182 0.40 -5.22 4.11
C MET B 182 0.79 -3.76 4.29
N VAL B 183 0.08 -2.86 3.62
CA VAL B 183 0.30 -1.39 3.78
C VAL B 183 -0.05 -1.02 5.23
N ASN B 184 0.85 -0.31 5.89
CA ASN B 184 0.67 0.02 7.33
C ASN B 184 0.71 1.53 7.48
N GLY B 185 0.85 2.23 6.37
CA GLY B 185 0.99 3.67 6.45
C GLY B 185 1.79 4.21 5.28
N TYR B 186 2.32 5.42 5.45
CA TYR B 186 3.04 6.07 4.35
C TYR B 186 4.26 6.85 4.83
N LYS B 187 5.24 6.95 3.95
CA LYS B 187 6.41 7.79 4.16
C LYS B 187 6.30 9.04 3.31
N LYS B 188 6.40 10.19 3.96
CA LYS B 188 6.36 11.48 3.29
C LYS B 188 7.66 11.73 2.54
N LEU B 189 7.56 12.05 1.26
CA LEU B 189 8.73 12.27 0.44
C LEU B 189 9.01 13.75 0.26
N GLU B 190 7.98 14.51 -0.09
CA GLU B 190 8.13 15.94 -0.26
C GLU B 190 6.83 16.67 0.01
N LYS B 191 6.94 17.89 0.54
CA LYS B 191 5.77 18.74 0.74
C LYS B 191 5.38 19.36 -0.58
N ILE B 192 4.11 19.24 -0.94
CA ILE B 192 3.61 19.81 -2.18
C ILE B 192 3.65 21.33 -2.12
N VAL B 193 4.40 21.94 -3.03
CA VAL B 193 4.65 23.38 -2.96
C VAL B 193 3.53 24.23 -3.60
N ASP B 194 2.93 23.75 -4.69
CA ASP B 194 1.86 24.51 -5.36
C ASP B 194 0.57 23.70 -5.43
N ASN B 195 -0.47 24.28 -4.85
CA ASN B 195 -1.72 23.61 -4.57
C ASN B 195 -2.74 23.72 -5.68
N LYS B 196 -2.26 23.92 -6.90
CA LYS B 196 -3.12 24.18 -8.05
C LYS B 196 -4.26 23.17 -8.19
N HIS B 197 -3.91 21.89 -8.27
CA HIS B 197 -4.91 20.84 -8.46
C HIS B 197 -5.28 20.13 -7.17
N MET B 198 -4.77 20.64 -6.05
CA MET B 198 -5.14 20.11 -4.74
C MET B 198 -6.53 20.57 -4.36
N ARG B 199 -7.41 19.63 -4.04
CA ARG B 199 -8.80 19.96 -3.74
C ARG B 199 -8.90 20.72 -2.42
N ASP B 200 -8.01 20.40 -1.49
CA ASP B 200 -7.94 21.07 -0.20
C ASP B 200 -6.65 21.88 -0.13
N LYS B 201 -6.78 23.20 -0.11
CA LYS B 201 -5.61 24.08 -0.17
C LYS B 201 -5.19 24.59 1.21
N PHE B 202 -5.56 23.88 2.27
CA PHE B 202 -5.19 24.29 3.62
C PHE B 202 -4.51 23.16 4.40
N THR B 203 -5.06 21.95 4.26
CA THR B 203 -4.47 20.79 4.92
C THR B 203 -3.06 20.53 4.38
N PRO B 204 -2.11 20.26 5.28
CA PRO B 204 -0.74 19.89 4.88
C PRO B 204 -0.73 18.71 3.91
N ALA B 205 -0.23 18.94 2.70
CA ALA B 205 -0.22 17.93 1.65
C ALA B 205 1.20 17.45 1.34
N TYR B 206 1.34 16.16 1.07
CA TYR B 206 2.66 15.58 0.79
C TYR B 206 2.61 14.52 -0.30
N LEU B 207 3.64 14.49 -1.15
CA LEU B 207 3.90 13.33 -1.97
C LEU B 207 4.39 12.23 -1.03
N ALA B 208 3.83 11.04 -1.15
CA ALA B 208 4.14 9.98 -0.21
C ALA B 208 4.22 8.63 -0.90
N THR B 209 4.78 7.64 -0.20
CA THR B 209 4.87 6.30 -0.75
C THR B 209 4.55 5.28 0.34
N PRO B 210 3.94 4.15 -0.03
CA PRO B 210 3.49 3.17 0.98
C PRO B 210 4.61 2.57 1.84
N THR B 211 4.33 2.46 3.14
CA THR B 211 5.15 1.70 4.07
C THR B 211 4.48 0.35 4.30
N TYR B 212 5.25 -0.65 4.70
CA TYR B 212 4.69 -1.98 4.90
C TYR B 212 5.06 -2.59 6.24
N THR B 213 4.22 -3.51 6.70
CA THR B 213 4.57 -4.42 7.78
C THR B 213 4.29 -5.84 7.31
N MET B 214 4.57 -6.81 8.18
CA MET B 214 4.23 -8.20 7.84
C MET B 214 3.09 -8.63 8.77
N ILE B 215 2.05 -9.22 8.19
CA ILE B 215 0.88 -9.60 8.97
C ILE B 215 0.64 -11.10 8.90
N GLY B 216 -0.20 -11.59 9.81
CA GLY B 216 -0.61 -12.98 9.80
C GLY B 216 -2.11 -13.04 10.03
N TYR B 217 -2.74 -14.13 9.60
CA TYR B 217 -4.17 -14.29 9.81
C TYR B 217 -4.44 -15.32 10.90
N LYS B 218 -5.47 -15.06 11.71
CA LYS B 218 -5.86 -16.02 12.77
C LYS B 218 -7.37 -16.01 12.98
N MET B 219 -7.96 -17.19 13.22
CA MET B 219 -9.40 -17.26 13.58
C MET B 219 -9.55 -16.45 14.85
N VAL B 220 -10.46 -15.49 14.90
CA VAL B 220 -10.54 -14.56 16.05
C VAL B 220 -10.61 -15.35 17.36
N SER B 221 -11.18 -16.56 17.33
CA SER B 221 -11.33 -17.29 18.57
C SER B 221 -9.98 -17.74 19.14
N ASN B 222 -8.99 -17.90 18.26
CA ASN B 222 -7.67 -18.38 18.66
C ASN B 222 -6.71 -17.24 19.01
N VAL B 223 -7.11 -16.00 18.75
CA VAL B 223 -6.27 -14.87 19.13
C VAL B 223 -6.36 -14.70 20.63
N ASP B 224 -5.20 -14.81 21.28
CA ASP B 224 -5.15 -14.76 22.74
C ASP B 224 -5.59 -13.40 23.28
N ASN B 225 -4.88 -12.33 22.90
CA ASN B 225 -5.24 -10.98 23.32
C ASN B 225 -5.86 -10.17 22.19
N PHE B 226 -7.14 -9.83 22.36
CA PHE B 226 -7.91 -9.13 21.33
C PHE B 226 -7.29 -7.79 20.94
N ASP B 227 -6.58 -7.17 21.87
CA ASP B 227 -5.95 -5.87 21.64
C ASP B 227 -4.91 -5.95 20.51
N GLN B 228 -4.47 -7.16 20.20
CA GLN B 228 -3.48 -7.37 19.15
C GLN B 228 -4.13 -7.56 17.79
N ALA B 229 -5.46 -7.42 17.74
CA ALA B 229 -6.19 -7.44 16.47
C ALA B 229 -7.04 -6.18 16.32
N LEU B 230 -6.92 -5.27 17.28
CA LEU B 230 -7.63 -4.00 17.22
C LEU B 230 -6.75 -2.90 16.63
N TRP B 231 -7.05 -2.50 15.40
CA TRP B 231 -6.21 -1.56 14.68
C TRP B 231 -6.66 -0.11 14.85
N GLN B 232 -5.68 0.80 14.78
CA GLN B 232 -5.94 2.22 14.95
C GLN B 232 -4.79 3.04 14.38
N TYR B 233 -4.98 4.35 14.27
CA TYR B 233 -3.94 5.24 13.79
C TYR B 233 -2.86 5.46 14.85
N GLY B 234 -1.70 5.93 14.41
CA GLY B 234 -0.59 6.13 15.34
C GLY B 234 0.42 7.09 14.79
N GLU B 235 1.52 7.28 15.52
CA GLU B 235 2.58 8.23 15.10
C GLU B 235 3.16 7.81 13.75
N ASN B 236 3.79 8.77 13.08
CA ASN B 236 4.68 8.62 11.90
C ASN B 236 3.82 8.06 10.77
N THR B 237 2.60 8.56 10.63
CA THR B 237 1.69 8.18 9.51
C THR B 237 1.58 6.66 9.42
N LYS B 238 1.19 6.03 10.52
CA LYS B 238 1.13 4.57 10.55
C LYS B 238 -0.14 4.08 11.23
N VAL B 239 -0.54 2.85 10.91
CA VAL B 239 -1.57 2.19 11.69
C VAL B 239 -0.91 1.08 12.48
N LYS B 240 -1.49 0.73 13.62
CA LYS B 240 -0.89 -0.23 14.54
C LYS B 240 -2.00 -0.96 15.29
N THR B 241 -1.64 -2.02 16.00
CA THR B 241 -2.57 -2.67 16.90
C THR B 241 -2.38 -2.10 18.29
N ILE B 242 -3.43 -2.15 19.12
CA ILE B 242 -3.37 -1.62 20.46
C ILE B 242 -2.37 -2.39 21.32
N GLY B 243 -2.32 -3.71 21.14
CA GLY B 243 -1.48 -4.58 21.94
C GLY B 243 -0.13 -4.90 21.34
N GLY B 244 0.20 -4.24 20.23
CA GLY B 244 1.50 -4.41 19.61
C GLY B 244 1.64 -5.65 18.75
N ILE B 245 2.88 -6.12 18.62
CA ILE B 245 3.20 -7.29 17.81
C ILE B 245 2.57 -8.55 18.42
N TYR B 246 2.03 -9.41 17.56
CA TYR B 246 1.31 -10.59 18.01
C TYR B 246 2.20 -11.61 18.73
N ASN B 247 1.62 -12.31 19.70
CA ASN B 247 2.33 -13.34 20.47
C ASN B 247 1.87 -14.75 20.12
#